data_5SM4
#
_entry.id   5SM4
#
_cell.length_a   68.540
_cell.length_b   67.420
_cell.length_c   138.520
_cell.angle_alpha   90.000
_cell.angle_beta   90.000
_cell.angle_gamma   90.000
#
_symmetry.space_group_name_H-M   'P 21 21 21'
#
loop_
_entity.id
_entity.type
_entity.pdbx_description
1 polymer 'Proofreading exoribonuclease nsp14'
2 non-polymer 'ZINC ION'
3 non-polymer 'PHOSPHATE ION'
4 non-polymer ~{N}-(4-fluorophenyl)-4-methyl-piperazine-1-carboxamide
5 water water
#
_entity_poly.entity_id   1
_entity_poly.type   'polypeptide(L)'
_entity_poly.pdbx_seq_one_letter_code
;SMLFKDCSKVITGLHPTQAPTHLSVDTKFKTEGLCVDIPGIPKDMTYRRLISMMGFKMNYQVNGYPNMFITREEAIRHVR
AWIGFDVEGCHATREAVGTNLPLQLGFSTGVNLVAVPTGYVDTPNNTDFSRVSAKPPPGDQFKHLIPLMYKGLPWNVVRI
KIVQMLSDTLKNLSDRVVFVLWAHGFELTSMKYFVKIGPERTCCLCDRRATCFSTASDTYACWHHSIGFDYVYNPFMIDV
QQWGFTGNLQSNHDLYCQVHGNAHVASCDAIMTRCLAVHECFVKRVDWTIEYPIIGDELKINAACRKVQHMVVKAALLAD
KFPVLHDIGNPKAIKCVPQADVEWKFYDAQPCSDKAYKIEELFYSYATHSDKFTDGVCLFWNCNVDRYPANSIVCRFDTR
VLSNLNLPGCDGGSLYVNKHAFHTPAFDKSAFVNLKQLPFFYYSDSPCESHGKQVVSDIDYVPLKSATCITRCNLGGAVC
RHHANEYRLYLDAYNMMISAGFSLWVYKQFDTYNLWNTFTRLQ
;
_entity_poly.pdbx_strand_id   D
#
# COMPACT_ATOMS: atom_id res chain seq x y z
N PRO A 20 9.26 6.07 -26.00
CA PRO A 20 8.39 6.51 -24.90
C PRO A 20 8.50 5.67 -23.63
N THR A 21 9.71 5.14 -23.37
CA THR A 21 10.01 4.34 -22.19
C THR A 21 10.38 5.27 -21.02
N HIS A 22 11.36 6.18 -21.24
CA HIS A 22 11.79 7.13 -20.22
C HIS A 22 11.34 8.58 -20.53
N LEU A 23 11.54 9.50 -19.57
CA LEU A 23 11.16 10.90 -19.77
C LEU A 23 12.32 11.62 -20.48
N SER A 24 12.10 12.12 -21.71
CA SER A 24 13.16 12.83 -22.46
C SER A 24 13.68 14.03 -21.65
N VAL A 25 15.01 14.22 -21.58
CA VAL A 25 15.53 15.41 -20.90
C VAL A 25 15.17 16.69 -21.65
N ASP A 26 14.80 16.59 -22.94
CA ASP A 26 14.42 17.73 -23.73
C ASP A 26 12.94 18.09 -23.61
N THR A 27 12.17 17.42 -22.74
CA THR A 27 10.75 17.73 -22.46
C THR A 27 10.70 19.11 -21.75
N LYS A 28 9.65 19.91 -21.99
CA LYS A 28 9.52 21.21 -21.33
C LYS A 28 9.11 21.04 -19.87
N PHE A 29 9.64 21.90 -19.00
CA PHE A 29 9.35 21.90 -17.57
C PHE A 29 8.74 23.26 -17.24
N LYS A 30 7.47 23.30 -16.79
CA LYS A 30 6.77 24.53 -16.44
C LYS A 30 7.40 25.15 -15.19
N THR A 31 7.90 26.39 -15.27
CA THR A 31 8.63 27.00 -14.15
C THR A 31 7.89 28.00 -13.28
N GLU A 32 6.58 28.21 -13.51
CA GLU A 32 5.81 29.15 -12.69
C GLU A 32 5.92 28.92 -11.17
N GLY A 33 5.84 27.66 -10.77
CA GLY A 33 5.94 27.25 -9.38
C GLY A 33 7.28 27.48 -8.73
N LEU A 34 8.35 27.63 -9.54
CA LEU A 34 9.74 27.87 -9.10
C LEU A 34 10.11 29.39 -9.03
N CYS A 35 9.27 30.28 -9.54
CA CYS A 35 9.64 31.70 -9.65
C CYS A 35 9.57 32.55 -8.35
N VAL A 36 9.12 32.01 -7.22
CA VAL A 36 9.14 32.80 -5.97
C VAL A 36 10.51 32.54 -5.29
N ASP A 37 11.02 31.29 -5.31
CA ASP A 37 12.37 31.01 -4.83
C ASP A 37 13.44 31.41 -5.88
N ILE A 38 13.06 31.37 -7.17
CA ILE A 38 13.97 31.67 -8.28
C ILE A 38 13.38 32.74 -9.20
N PRO A 39 13.38 34.01 -8.74
CA PRO A 39 12.80 35.07 -9.57
C PRO A 39 13.63 35.33 -10.84
N GLY A 40 12.94 35.54 -11.95
CA GLY A 40 13.57 35.75 -13.25
C GLY A 40 13.79 34.47 -14.04
N ILE A 41 13.42 33.31 -13.48
CA ILE A 41 13.59 32.03 -14.18
C ILE A 41 12.92 32.03 -15.58
N PRO A 42 13.63 31.50 -16.60
CA PRO A 42 13.04 31.44 -17.94
C PRO A 42 11.76 30.63 -17.94
N LYS A 43 10.75 31.14 -18.59
CA LYS A 43 9.48 30.44 -18.73
C LYS A 43 9.70 29.18 -19.61
N ASP A 44 10.57 29.31 -20.62
CA ASP A 44 10.95 28.24 -21.51
C ASP A 44 12.10 27.52 -20.82
N MET A 45 11.89 26.24 -20.48
CA MET A 45 12.88 25.47 -19.74
C MET A 45 12.71 23.97 -20.06
N THR A 46 13.82 23.22 -20.13
CA THR A 46 13.77 21.76 -20.34
C THR A 46 14.32 21.06 -19.09
N TYR A 47 14.11 19.74 -18.97
CA TYR A 47 14.70 19.00 -17.85
C TYR A 47 16.25 19.09 -17.89
N ARG A 48 16.83 19.10 -19.10
CA ARG A 48 18.25 19.22 -19.34
C ARG A 48 18.82 20.52 -18.74
N ARG A 49 18.18 21.67 -18.96
CA ARG A 49 18.66 22.92 -18.40
C ARG A 49 18.40 22.99 -16.87
N LEU A 50 17.26 22.43 -16.43
CA LEU A 50 16.91 22.39 -15.01
C LEU A 50 17.93 21.55 -14.25
N ILE A 51 18.30 20.37 -14.76
CA ILE A 51 19.26 19.46 -14.13
C ILE A 51 20.65 20.10 -14.05
N SER A 52 21.03 20.82 -15.09
CA SER A 52 22.27 21.55 -15.16
C SER A 52 22.28 22.65 -14.09
N MET A 53 21.14 23.36 -13.93
CA MET A 53 20.95 24.41 -12.94
C MET A 53 21.11 23.86 -11.51
N MET A 54 20.62 22.63 -11.29
CA MET A 54 20.75 21.98 -9.99
C MET A 54 22.18 21.50 -9.67
N GLY A 55 23.13 21.69 -10.58
CA GLY A 55 24.51 21.28 -10.36
C GLY A 55 24.85 19.86 -10.74
N PHE A 56 24.02 19.21 -11.56
CA PHE A 56 24.28 17.83 -11.98
C PHE A 56 24.75 17.75 -13.40
N LYS A 57 25.81 16.96 -13.65
CA LYS A 57 26.37 16.82 -14.99
C LYS A 57 26.10 15.44 -15.56
N MET A 58 25.21 15.36 -16.56
CA MET A 58 24.89 14.07 -17.17
C MET A 58 25.99 13.64 -18.20
N ASN A 59 26.79 14.62 -18.72
CA ASN A 59 27.93 14.44 -19.64
C ASN A 59 27.68 13.52 -20.82
N TYR A 60 26.41 13.35 -21.22
CA TYR A 60 25.96 12.42 -22.27
C TYR A 60 26.33 11.01 -21.84
N GLN A 61 25.44 10.37 -21.07
CA GLN A 61 25.71 9.03 -20.56
C GLN A 61 24.56 8.03 -20.85
N VAL A 62 24.90 6.91 -21.50
CA VAL A 62 23.94 5.85 -21.81
C VAL A 62 24.13 4.65 -20.90
N ASN A 63 23.91 4.83 -19.58
CA ASN A 63 24.14 3.76 -18.62
C ASN A 63 22.99 3.55 -17.62
N GLY A 64 21.76 3.49 -18.11
CA GLY A 64 20.59 3.23 -17.28
C GLY A 64 20.01 4.39 -16.47
N TYR A 65 20.63 5.57 -16.52
CA TYR A 65 20.13 6.73 -15.77
C TYR A 65 19.93 7.90 -16.77
N PRO A 66 18.94 7.85 -17.67
CA PRO A 66 18.80 8.93 -18.67
C PRO A 66 18.34 10.29 -18.14
N ASN A 67 17.56 10.29 -17.08
CA ASN A 67 17.00 11.51 -16.52
C ASN A 67 16.77 11.30 -14.99
N MET A 68 16.99 12.35 -14.18
CA MET A 68 16.73 12.30 -12.74
C MET A 68 15.19 12.26 -12.50
N PHE A 69 14.44 12.98 -13.34
CA PHE A 69 12.99 13.05 -13.32
C PHE A 69 12.40 11.92 -14.16
N ILE A 70 11.19 11.47 -13.78
CA ILE A 70 10.55 10.34 -14.44
C ILE A 70 9.09 10.64 -14.82
N THR A 71 8.54 9.84 -15.74
CA THR A 71 7.14 9.99 -16.16
C THR A 71 6.19 9.60 -15.04
N ARG A 72 4.92 10.02 -15.14
CA ARG A 72 3.88 9.64 -14.19
C ARG A 72 3.71 8.09 -14.22
N GLU A 73 3.72 7.50 -15.43
CA GLU A 73 3.62 6.05 -15.60
C GLU A 73 4.76 5.31 -14.88
N GLU A 74 6.00 5.83 -15.01
CA GLU A 74 7.15 5.23 -14.33
C GLU A 74 7.01 5.38 -12.81
N ALA A 75 6.49 6.52 -12.33
CA ALA A 75 6.30 6.74 -10.89
C ALA A 75 5.29 5.75 -10.30
N ILE A 76 4.15 5.50 -11.00
CA ILE A 76 3.10 4.57 -10.57
C ILE A 76 3.67 3.17 -10.47
N ARG A 77 4.51 2.76 -11.43
CA ARG A 77 5.17 1.45 -11.34
C ARG A 77 6.06 1.34 -10.10
N HIS A 78 6.62 2.45 -9.63
CA HIS A 78 7.53 2.46 -8.47
C HIS A 78 6.92 3.21 -7.26
N VAL A 79 5.58 3.09 -7.06
CA VAL A 79 4.91 3.76 -5.94
C VAL A 79 5.53 3.40 -4.56
N ARG A 80 6.08 2.18 -4.40
CA ARG A 80 6.71 1.78 -3.13
C ARG A 80 7.97 2.62 -2.82
N ALA A 81 8.58 3.23 -3.84
CA ALA A 81 9.76 4.07 -3.66
C ALA A 81 9.41 5.52 -3.30
N TRP A 82 8.14 5.91 -3.24
CA TRP A 82 7.80 7.32 -3.04
C TRP A 82 8.08 7.88 -1.68
N ILE A 83 8.78 9.01 -1.68
CA ILE A 83 9.07 9.77 -0.48
C ILE A 83 8.83 11.21 -0.84
N GLY A 84 7.81 11.80 -0.23
CA GLY A 84 7.51 13.21 -0.40
C GLY A 84 8.64 14.03 0.17
N PHE A 85 9.05 15.07 -0.54
CA PHE A 85 10.17 15.88 -0.10
C PHE A 85 9.84 17.38 -0.27
N ASP A 86 10.12 18.16 0.76
CA ASP A 86 9.86 19.59 0.73
C ASP A 86 10.96 20.33 1.48
N VAL A 87 11.38 21.48 0.94
CA VAL A 87 12.37 22.31 1.60
C VAL A 87 11.78 23.69 1.83
N GLU A 88 11.84 24.19 3.06
CA GLU A 88 11.38 25.53 3.41
C GLU A 88 12.58 26.38 3.85
N GLY A 89 12.64 27.60 3.36
CA GLY A 89 13.74 28.51 3.65
C GLY A 89 13.56 29.32 4.92
N CYS A 90 13.85 28.68 6.09
CA CYS A 90 13.78 29.22 7.47
C CYS A 90 14.19 30.70 7.58
N HIS A 91 15.34 31.08 6.98
CA HIS A 91 15.78 32.46 7.00
C HIS A 91 15.84 33.02 5.57
N GLY A 98 19.49 30.39 0.49
CA GLY A 98 20.40 30.77 -0.58
C GLY A 98 21.86 30.55 -0.22
N THR A 99 22.17 29.32 0.27
CA THR A 99 23.51 28.85 0.72
C THR A 99 24.05 29.67 1.93
N ASN A 100 23.35 30.74 2.33
CA ASN A 100 23.71 31.59 3.46
C ASN A 100 22.68 31.48 4.61
N LEU A 101 21.46 30.97 4.33
CA LEU A 101 20.41 30.80 5.33
C LEU A 101 20.08 29.31 5.59
N PRO A 102 19.58 28.99 6.79
CA PRO A 102 19.25 27.59 7.09
C PRO A 102 17.99 27.10 6.36
N LEU A 103 17.93 25.80 6.08
CA LEU A 103 16.82 25.16 5.37
C LEU A 103 16.22 24.04 6.20
N GLN A 104 14.89 23.95 6.19
CA GLN A 104 14.19 22.86 6.83
C GLN A 104 13.90 21.85 5.72
N LEU A 105 14.37 20.62 5.90
CA LEU A 105 14.18 19.51 4.98
C LEU A 105 13.07 18.65 5.57
N GLY A 106 11.98 18.47 4.84
CA GLY A 106 10.86 17.68 5.34
C GLY A 106 10.63 16.46 4.47
N PHE A 107 10.32 15.33 5.11
CA PHE A 107 10.08 14.09 4.38
C PHE A 107 8.73 13.51 4.74
N SER A 108 8.10 12.72 3.83
CA SER A 108 6.80 12.14 4.14
C SER A 108 6.86 11.07 5.27
N THR A 109 8.09 10.74 5.75
CA THR A 109 8.28 9.90 6.94
C THR A 109 7.95 10.69 8.24
N GLY A 110 7.72 12.00 8.14
CA GLY A 110 7.43 12.83 9.29
C GLY A 110 8.66 13.51 9.84
N VAL A 111 9.85 13.20 9.29
CA VAL A 111 11.11 13.79 9.72
C VAL A 111 11.34 15.19 9.13
N ASN A 112 11.81 16.10 10.01
CA ASN A 112 12.22 17.45 9.65
C ASN A 112 13.67 17.59 10.08
N LEU A 113 14.58 17.87 9.14
CA LEU A 113 15.99 18.11 9.45
C LEU A 113 16.28 19.58 9.17
N VAL A 114 17.14 20.21 9.96
CA VAL A 114 17.54 21.57 9.71
C VAL A 114 19.00 21.61 9.28
N ALA A 115 19.25 22.10 8.06
CA ALA A 115 20.60 22.17 7.54
C ALA A 115 21.10 23.61 7.63
N VAL A 116 22.25 23.83 8.27
CA VAL A 116 22.86 25.16 8.34
C VAL A 116 24.11 25.17 7.47
N PRO A 117 24.41 26.31 6.83
CA PRO A 117 25.62 26.37 5.98
C PRO A 117 26.79 27.03 6.73
N THR A 118 26.83 26.88 8.07
CA THR A 118 27.85 27.48 8.94
C THR A 118 29.28 27.22 8.48
N PRO A 147 6.17 14.96 12.14
CA PRO A 147 6.33 16.04 13.14
C PRO A 147 7.62 15.90 13.97
N LEU A 148 8.59 15.10 13.52
CA LEU A 148 9.85 14.92 14.24
C LEU A 148 10.88 16.00 13.86
N MET A 149 10.92 17.09 14.64
CA MET A 149 11.79 18.25 14.42
C MET A 149 13.19 18.14 15.07
N TYR A 150 14.26 18.33 14.28
CA TYR A 150 15.64 18.29 14.77
C TYR A 150 16.32 19.68 14.61
N LYS A 151 17.26 20.05 15.51
CA LYS A 151 17.95 21.34 15.48
C LYS A 151 19.00 21.46 14.35
N GLY A 152 19.41 22.71 14.03
CA GLY A 152 20.36 23.05 12.97
C GLY A 152 21.73 22.41 12.98
N LEU A 153 22.01 21.61 11.96
CA LEU A 153 23.29 20.90 11.84
C LEU A 153 23.85 21.07 10.43
N PRO A 154 25.20 21.08 10.25
CA PRO A 154 25.75 21.25 8.88
C PRO A 154 25.42 20.10 7.94
N TRP A 155 25.53 20.36 6.64
CA TRP A 155 25.19 19.37 5.61
C TRP A 155 25.91 18.04 5.69
N ASN A 156 27.19 18.04 6.12
CA ASN A 156 28.00 16.82 6.22
C ASN A 156 27.41 15.82 7.19
N VAL A 157 26.72 16.29 8.25
CA VAL A 157 26.11 15.37 9.18
C VAL A 157 24.64 15.10 8.77
N VAL A 158 23.93 16.13 8.25
CA VAL A 158 22.54 15.97 7.79
C VAL A 158 22.45 14.87 6.70
N ARG A 159 23.41 14.85 5.76
CA ARG A 159 23.40 13.87 4.66
C ARG A 159 23.53 12.41 5.15
N ILE A 160 24.24 12.17 6.27
CA ILE A 160 24.35 10.82 6.86
C ILE A 160 22.96 10.35 7.35
N LYS A 161 22.20 11.29 7.96
CA LYS A 161 20.86 11.02 8.49
C LYS A 161 19.87 10.77 7.37
N ILE A 162 20.00 11.46 6.22
CA ILE A 162 19.12 11.28 5.08
C ILE A 162 19.26 9.87 4.51
N VAL A 163 20.51 9.40 4.33
CA VAL A 163 20.82 8.04 3.87
C VAL A 163 20.26 7.02 4.85
N GLN A 164 20.50 7.20 6.17
CA GLN A 164 19.98 6.27 7.17
C GLN A 164 18.44 6.18 7.12
N MET A 165 17.76 7.32 7.05
CA MET A 165 16.31 7.35 7.04
C MET A 165 15.73 6.67 5.79
N LEU A 166 16.21 7.04 4.59
CA LEU A 166 15.74 6.42 3.34
C LEU A 166 16.04 4.93 3.31
N SER A 167 17.26 4.53 3.70
CA SER A 167 17.62 3.12 3.76
C SER A 167 16.71 2.32 4.68
N ASP A 168 16.42 2.81 5.90
CA ASP A 168 15.55 2.08 6.83
C ASP A 168 14.09 2.09 6.38
N THR A 169 13.67 3.11 5.62
CA THR A 169 12.29 3.19 5.16
C THR A 169 12.08 2.31 3.93
N LEU A 170 13.05 2.28 3.02
CA LEU A 170 12.88 1.62 1.73
C LEU A 170 13.47 0.25 1.51
N LYS A 171 14.39 -0.24 2.34
CA LYS A 171 15.06 -1.52 2.08
C LYS A 171 14.10 -2.71 1.83
N ASN A 172 12.97 -2.75 2.52
CA ASN A 172 12.00 -3.82 2.33
C ASN A 172 10.87 -3.43 1.33
N LEU A 173 10.90 -2.22 0.77
CA LEU A 173 9.87 -1.79 -0.17
C LEU A 173 10.38 -1.72 -1.59
N SER A 174 11.55 -1.09 -1.80
CA SER A 174 11.99 -0.79 -3.15
C SER A 174 13.49 -0.87 -3.43
N ASP A 175 13.83 -0.96 -4.75
CA ASP A 175 15.20 -0.93 -5.23
C ASP A 175 15.66 0.53 -5.49
N ARG A 176 14.79 1.53 -5.27
CA ARG A 176 15.11 2.93 -5.53
C ARG A 176 14.36 3.89 -4.58
N VAL A 177 14.57 5.20 -4.75
CA VAL A 177 13.82 6.25 -4.08
C VAL A 177 13.21 7.14 -5.19
N VAL A 178 11.97 7.62 -4.99
CA VAL A 178 11.30 8.55 -5.89
C VAL A 178 10.90 9.76 -5.06
N PHE A 179 11.58 10.89 -5.23
CA PHE A 179 11.27 12.09 -4.47
C PHE A 179 10.05 12.74 -5.09
N VAL A 180 8.92 12.75 -4.35
CA VAL A 180 7.70 13.32 -4.86
C VAL A 180 7.66 14.79 -4.41
N LEU A 181 7.70 15.71 -5.39
CA LEU A 181 7.76 17.15 -5.14
C LEU A 181 6.51 17.95 -5.53
N TRP A 182 6.37 19.12 -4.91
CA TRP A 182 5.44 20.19 -5.30
C TRP A 182 6.47 21.32 -5.35
N ALA A 183 7.31 21.28 -6.39
CA ALA A 183 8.51 22.07 -6.51
C ALA A 183 8.31 23.59 -6.60
N HIS A 184 9.00 24.28 -5.68
CA HIS A 184 9.04 25.73 -5.61
C HIS A 184 10.43 26.32 -5.78
N GLY A 185 11.48 25.51 -5.70
CA GLY A 185 12.84 25.99 -5.92
C GLY A 185 13.92 25.42 -5.02
N PHE A 186 13.81 25.65 -3.70
CA PHE A 186 14.82 25.22 -2.72
C PHE A 186 15.07 23.73 -2.61
N GLU A 187 14.06 22.88 -2.91
CA GLU A 187 14.24 21.43 -2.83
C GLU A 187 15.15 20.93 -3.95
N LEU A 188 15.04 21.53 -5.16
CA LEU A 188 15.86 21.14 -6.29
C LEU A 188 17.30 21.65 -6.12
N THR A 189 17.46 22.90 -5.66
CA THR A 189 18.80 23.46 -5.46
C THR A 189 19.50 22.89 -4.21
N SER A 190 18.78 22.24 -3.29
CA SER A 190 19.42 21.61 -2.14
C SER A 190 19.89 20.18 -2.46
N MET A 191 19.37 19.56 -3.53
CA MET A 191 19.71 18.20 -3.85
C MET A 191 21.21 17.94 -4.03
N LYS A 192 21.97 18.88 -4.60
CA LYS A 192 23.42 18.80 -4.75
C LYS A 192 24.17 18.59 -3.41
N TYR A 193 23.51 18.89 -2.27
CA TYR A 193 24.17 18.72 -0.98
C TYR A 193 24.09 17.32 -0.43
N PHE A 194 23.25 16.44 -1.00
CA PHE A 194 23.11 15.09 -0.50
C PHE A 194 22.93 14.02 -1.58
N VAL A 195 22.95 14.41 -2.86
CA VAL A 195 22.76 13.50 -3.98
C VAL A 195 24.01 13.48 -4.88
N LYS A 196 24.44 12.28 -5.29
CA LYS A 196 25.47 12.05 -6.28
C LYS A 196 24.83 11.22 -7.40
N ILE A 197 25.21 11.51 -8.65
CA ILE A 197 24.69 10.76 -9.79
C ILE A 197 25.85 10.19 -10.64
N GLY A 198 25.52 9.26 -11.51
CA GLY A 198 26.49 8.63 -12.39
C GLY A 198 25.86 7.46 -13.10
N PRO A 199 26.70 6.55 -13.57
CA PRO A 199 26.17 5.35 -14.25
C PRO A 199 25.50 4.40 -13.26
N GLU A 200 24.61 3.54 -13.76
CA GLU A 200 23.96 2.55 -12.91
C GLU A 200 24.99 1.57 -12.34
N ARG A 201 24.87 1.25 -11.06
CA ARG A 201 25.84 0.41 -10.39
C ARG A 201 25.19 -0.66 -9.53
N THR A 202 26.02 -1.62 -9.04
CA THR A 202 25.55 -2.63 -8.10
C THR A 202 26.19 -2.40 -6.73
N CYS A 203 25.57 -2.95 -5.69
CA CYS A 203 26.05 -2.83 -4.33
C CYS A 203 27.38 -3.57 -4.17
N CYS A 204 28.28 -3.01 -3.34
CA CYS A 204 29.58 -3.61 -3.06
C CYS A 204 29.45 -4.91 -2.25
N LEU A 205 28.30 -5.17 -1.61
CA LEU A 205 28.09 -6.36 -0.81
C LEU A 205 27.05 -7.34 -1.37
N CYS A 206 26.29 -6.95 -2.41
CA CYS A 206 25.30 -7.85 -3.02
C CYS A 206 25.03 -7.52 -4.52
N ASP A 207 24.02 -8.15 -5.13
CA ASP A 207 23.69 -7.96 -6.53
C ASP A 207 22.68 -6.85 -6.77
N ARG A 208 22.09 -6.28 -5.71
CA ARG A 208 21.09 -5.23 -5.86
C ARG A 208 21.68 -3.96 -6.42
N ARG A 209 20.84 -3.16 -7.10
CA ARG A 209 21.29 -1.88 -7.63
C ARG A 209 21.71 -0.94 -6.47
N ALA A 210 22.71 -0.12 -6.75
CA ALA A 210 23.26 0.82 -5.80
C ALA A 210 22.36 2.05 -5.67
N THR A 211 22.05 2.40 -4.43
CA THR A 211 21.21 3.56 -4.13
C THR A 211 21.93 4.59 -3.23
N CYS A 212 23.14 4.27 -2.74
CA CYS A 212 23.91 5.09 -1.82
C CYS A 212 25.40 5.10 -2.20
N PHE A 213 26.12 6.12 -1.75
CA PHE A 213 27.55 6.25 -2.02
C PHE A 213 28.26 6.73 -0.77
N SER A 214 29.47 6.24 -0.54
CA SER A 214 30.24 6.67 0.60
C SER A 214 31.52 7.35 0.15
N THR A 215 31.71 8.62 0.52
CA THR A 215 32.95 9.33 0.20
C THR A 215 34.13 8.85 1.05
N ALA A 216 33.86 8.22 2.21
CA ALA A 216 34.91 7.71 3.08
C ALA A 216 35.60 6.50 2.45
N SER A 217 34.83 5.55 1.92
CA SER A 217 35.38 4.34 1.34
C SER A 217 35.41 4.31 -0.19
N ASP A 218 34.79 5.29 -0.87
CA ASP A 218 34.72 5.31 -2.33
C ASP A 218 33.92 4.11 -2.90
N THR A 219 32.91 3.62 -2.15
CA THR A 219 32.10 2.47 -2.57
C THR A 219 30.59 2.82 -2.65
N TYR A 220 29.78 1.89 -3.21
CA TYR A 220 28.35 2.01 -3.45
C TYR A 220 27.58 0.88 -2.75
N ALA A 221 26.37 1.17 -2.27
CA ALA A 221 25.57 0.18 -1.59
C ALA A 221 24.11 0.32 -1.88
N CYS A 222 23.35 -0.77 -1.72
CA CYS A 222 21.90 -0.77 -1.80
C CYS A 222 21.36 -0.26 -0.43
N TRP A 223 20.03 -0.23 -0.25
CA TRP A 223 19.44 0.21 1.01
C TRP A 223 19.75 -0.76 2.18
N HIS A 224 20.10 -2.02 1.87
CA HIS A 224 20.41 -3.00 2.92
C HIS A 224 21.83 -2.89 3.46
N HIS A 225 22.79 -2.37 2.67
CA HIS A 225 24.19 -2.38 3.09
C HIS A 225 24.86 -1.02 3.18
N SER A 226 24.07 0.01 3.43
CA SER A 226 24.56 1.39 3.40
C SER A 226 24.87 2.04 4.75
N ILE A 227 25.12 1.25 5.80
CA ILE A 227 25.42 1.84 7.11
C ILE A 227 26.70 2.68 7.07
N GLY A 228 26.58 3.93 7.48
CA GLY A 228 27.71 4.85 7.43
C GLY A 228 27.91 5.52 6.08
N PHE A 229 27.02 5.25 5.09
CA PHE A 229 27.15 5.88 3.77
C PHE A 229 26.59 7.31 3.88
N ASP A 230 27.15 8.26 3.11
CA ASP A 230 26.76 9.65 3.27
C ASP A 230 26.04 10.28 2.08
N TYR A 231 25.93 9.61 0.91
CA TYR A 231 25.26 10.21 -0.24
C TYR A 231 24.15 9.36 -0.84
N VAL A 232 23.11 10.01 -1.37
CA VAL A 232 22.03 9.33 -2.05
C VAL A 232 22.52 9.22 -3.48
N TYR A 233 22.60 8.00 -3.98
CA TYR A 233 23.12 7.77 -5.32
C TYR A 233 22.01 7.47 -6.32
N ASN A 234 21.98 8.22 -7.45
CA ASN A 234 20.99 8.03 -8.53
C ASN A 234 19.54 7.97 -8.05
N PRO A 235 19.07 8.99 -7.30
CA PRO A 235 17.66 9.01 -6.92
C PRO A 235 16.80 9.37 -8.11
N PHE A 236 15.49 9.12 -8.02
CA PHE A 236 14.55 9.57 -9.05
C PHE A 236 13.64 10.60 -8.42
N MET A 237 12.96 11.39 -9.23
CA MET A 237 12.08 12.43 -8.74
C MET A 237 10.96 12.77 -9.70
N ILE A 238 9.90 13.36 -9.17
CA ILE A 238 8.75 13.75 -9.96
C ILE A 238 8.12 15.01 -9.35
N ASP A 239 7.83 16.01 -10.18
CA ASP A 239 7.20 17.24 -9.71
C ASP A 239 5.68 17.19 -10.00
N VAL A 240 4.86 17.08 -8.94
CA VAL A 240 3.40 17.02 -8.99
C VAL A 240 2.82 18.26 -9.65
N GLN A 241 3.44 19.42 -9.44
CA GLN A 241 3.02 20.65 -10.11
C GLN A 241 3.04 20.57 -11.63
N GLN A 242 3.83 19.67 -12.22
CA GLN A 242 3.85 19.50 -13.67
C GLN A 242 2.57 18.85 -14.24
N TRP A 243 1.67 18.35 -13.37
CA TRP A 243 0.49 17.63 -13.81
C TRP A 243 -0.72 18.50 -14.18
N GLY A 244 -0.62 19.81 -13.95
CA GLY A 244 -1.68 20.72 -14.33
C GLY A 244 -2.62 21.08 -13.22
N PHE A 245 -2.11 21.77 -12.21
CA PHE A 245 -2.94 22.18 -11.09
C PHE A 245 -3.14 23.68 -11.04
N THR A 246 -4.32 24.08 -10.56
CA THR A 246 -4.68 25.46 -10.28
C THR A 246 -4.55 25.58 -8.76
N GLY A 247 -4.00 26.69 -8.28
CA GLY A 247 -3.87 26.91 -6.86
C GLY A 247 -2.72 26.15 -6.21
N ASN A 248 -2.49 26.45 -4.92
CA ASN A 248 -1.41 25.89 -4.16
C ASN A 248 -1.64 24.45 -3.71
N LEU A 249 -0.61 23.82 -3.10
CA LEU A 249 -0.65 22.47 -2.56
C LEU A 249 -1.79 22.22 -1.57
N GLN A 250 -1.91 23.05 -0.51
CA GLN A 250 -2.96 22.79 0.51
C GLN A 250 -4.37 22.80 -0.10
N SER A 251 -4.66 23.75 -0.99
CA SER A 251 -5.98 23.84 -1.61
C SER A 251 -6.32 22.62 -2.46
N ASN A 252 -5.35 22.07 -3.21
CA ASN A 252 -5.62 20.89 -4.03
C ASN A 252 -5.69 19.62 -3.19
N HIS A 253 -4.84 19.54 -2.14
CA HIS A 253 -4.79 18.38 -1.27
C HIS A 253 -6.09 18.26 -0.48
N ASP A 254 -6.52 19.36 0.20
CA ASP A 254 -7.73 19.39 1.04
C ASP A 254 -9.03 19.11 0.33
N LEU A 255 -9.03 19.14 -1.00
CA LEU A 255 -10.22 18.81 -1.78
C LEU A 255 -10.60 17.34 -1.59
N TYR A 256 -9.60 16.47 -1.36
CA TYR A 256 -9.74 15.02 -1.29
C TYR A 256 -9.38 14.41 0.05
N CYS A 257 -8.73 15.16 0.95
CA CYS A 257 -8.28 14.58 2.20
C CYS A 257 -8.39 15.54 3.38
N GLN A 258 -8.90 15.05 4.51
CA GLN A 258 -9.09 15.83 5.76
C GLN A 258 -8.27 15.29 6.94
N VAL A 259 -7.38 14.30 6.70
CA VAL A 259 -6.56 13.62 7.71
C VAL A 259 -5.17 14.27 7.87
N HIS A 260 -4.66 14.91 6.80
CA HIS A 260 -3.37 15.58 6.82
C HIS A 260 -3.54 17.09 6.94
N GLY A 261 -3.38 17.61 8.14
CA GLY A 261 -3.46 19.05 8.36
C GLY A 261 -2.15 19.75 8.04
N ASN A 262 -2.17 21.08 7.89
CA ASN A 262 -0.94 21.82 7.60
C ASN A 262 -0.36 22.47 8.85
N ALA A 263 0.41 21.71 9.65
CA ALA A 263 1.05 22.30 10.84
C ALA A 263 2.18 23.30 10.52
N HIS A 264 2.31 23.70 9.24
CA HIS A 264 3.23 24.67 8.66
C HIS A 264 4.73 24.28 8.76
N VAL A 265 5.02 22.97 8.87
CA VAL A 265 6.40 22.49 8.80
C VAL A 265 6.61 21.80 7.44
N ALA A 266 7.86 21.67 7.02
CA ALA A 266 8.22 21.06 5.75
C ALA A 266 7.67 19.64 5.56
N SER A 267 7.71 18.79 6.63
CA SER A 267 7.19 17.42 6.56
C SER A 267 5.67 17.36 6.33
N CYS A 268 4.91 18.42 6.73
CA CYS A 268 3.47 18.47 6.48
C CYS A 268 3.24 18.56 4.98
N ASP A 269 3.99 19.44 4.30
CA ASP A 269 3.92 19.63 2.85
C ASP A 269 4.35 18.35 2.12
N ALA A 270 5.38 17.68 2.62
CA ALA A 270 5.90 16.46 2.00
C ALA A 270 4.85 15.31 2.07
N ILE A 271 4.12 15.24 3.18
CA ILE A 271 3.05 14.27 3.38
C ILE A 271 1.87 14.61 2.45
N MET A 272 1.45 15.88 2.44
CA MET A 272 0.36 16.35 1.58
C MET A 272 0.68 16.13 0.11
N THR A 273 1.96 16.32 -0.31
CA THR A 273 2.41 16.15 -1.70
C THR A 273 2.25 14.68 -2.18
N ARG A 274 2.78 13.74 -1.39
CA ARG A 274 2.67 12.32 -1.70
C ARG A 274 1.19 11.89 -1.64
N CYS A 275 0.41 12.42 -0.66
CA CYS A 275 -1.01 12.10 -0.55
C CYS A 275 -1.75 12.53 -1.80
N LEU A 276 -1.50 13.78 -2.26
CA LEU A 276 -2.11 14.31 -3.46
C LEU A 276 -1.77 13.47 -4.67
N ALA A 277 -0.49 13.06 -4.78
CA ALA A 277 -0.01 12.18 -5.86
C ALA A 277 -0.72 10.81 -5.86
N VAL A 278 -0.88 10.18 -4.66
CA VAL A 278 -1.56 8.88 -4.54
C VAL A 278 -3.04 9.02 -4.97
N HIS A 279 -3.69 10.16 -4.62
CA HIS A 279 -5.08 10.38 -5.00
C HIS A 279 -5.22 10.43 -6.53
N GLU A 280 -4.27 11.08 -7.20
CA GLU A 280 -4.29 11.25 -8.65
C GLU A 280 -3.95 10.00 -9.44
N CYS A 281 -3.07 9.17 -8.88
CA CYS A 281 -2.60 7.98 -9.59
C CYS A 281 -3.31 6.69 -9.21
N PHE A 282 -3.97 6.66 -8.03
CA PHE A 282 -4.58 5.44 -7.50
C PHE A 282 -6.02 5.59 -7.02
N VAL A 283 -6.49 6.83 -6.81
CA VAL A 283 -7.86 7.05 -6.38
C VAL A 283 -8.71 7.44 -7.61
N LYS A 284 -8.52 8.66 -8.16
CA LYS A 284 -9.26 9.16 -9.31
C LYS A 284 -9.00 8.33 -10.56
N ARG A 285 -7.73 7.92 -10.74
CA ARG A 285 -7.31 7.07 -11.85
C ARG A 285 -6.99 5.71 -11.26
N VAL A 286 -7.50 4.63 -11.85
CA VAL A 286 -7.19 3.27 -11.36
C VAL A 286 -6.64 2.42 -12.51
N ASP A 287 -5.60 1.62 -12.24
CA ASP A 287 -5.06 0.72 -13.25
C ASP A 287 -4.70 -0.60 -12.62
N TRP A 288 -5.59 -1.60 -12.75
CA TRP A 288 -5.32 -2.92 -12.17
C TRP A 288 -4.46 -3.83 -13.09
N THR A 289 -4.06 -3.34 -14.27
CA THR A 289 -3.19 -4.11 -15.17
C THR A 289 -1.70 -3.96 -14.84
N ILE A 290 -1.34 -3.12 -13.86
CA ILE A 290 0.04 -2.91 -13.48
C ILE A 290 0.42 -3.93 -12.44
N GLU A 291 1.39 -4.76 -12.76
CA GLU A 291 1.91 -5.79 -11.89
C GLU A 291 3.01 -5.18 -11.00
N TYR A 292 3.16 -5.67 -9.76
CA TYR A 292 4.20 -5.19 -8.85
C TYR A 292 5.05 -6.37 -8.38
N PRO A 293 6.37 -6.18 -8.19
CA PRO A 293 7.22 -7.32 -7.76
C PRO A 293 6.83 -7.94 -6.41
N ILE A 294 7.35 -9.13 -6.12
CA ILE A 294 7.07 -9.78 -4.85
C ILE A 294 8.11 -9.31 -3.84
N ILE A 295 7.68 -8.65 -2.77
CA ILE A 295 8.61 -8.16 -1.76
C ILE A 295 8.43 -8.80 -0.37
N GLY A 296 7.39 -9.60 -0.19
CA GLY A 296 7.09 -10.20 1.10
C GLY A 296 6.29 -11.49 1.02
N ASP A 297 5.24 -11.59 1.84
CA ASP A 297 4.43 -12.80 1.91
C ASP A 297 3.26 -12.82 0.96
N GLU A 298 3.35 -12.10 -0.17
CA GLU A 298 2.26 -12.06 -1.14
C GLU A 298 1.64 -13.41 -1.49
N LEU A 299 2.43 -14.40 -1.92
CA LEU A 299 1.88 -15.70 -2.33
C LEU A 299 1.18 -16.43 -1.20
N LYS A 300 1.76 -16.39 0.01
CA LYS A 300 1.20 -17.05 1.18
C LYS A 300 -0.10 -16.37 1.63
N ILE A 301 -0.14 -15.03 1.63
CA ILE A 301 -1.32 -14.28 2.05
C ILE A 301 -2.50 -14.56 1.10
N ASN A 302 -2.22 -14.60 -0.20
CA ASN A 302 -3.25 -14.81 -1.20
C ASN A 302 -3.80 -16.23 -1.13
N ALA A 303 -2.93 -17.21 -0.90
CA ALA A 303 -3.33 -18.59 -0.73
C ALA A 303 -4.17 -18.75 0.54
N ALA A 304 -3.79 -18.03 1.61
CA ALA A 304 -4.51 -18.07 2.86
C ALA A 304 -5.93 -17.51 2.70
N CYS A 305 -6.11 -16.38 2.00
CA CYS A 305 -7.42 -15.78 1.78
C CYS A 305 -8.35 -16.73 1.04
N ARG A 306 -7.81 -17.51 0.08
CA ARG A 306 -8.62 -18.47 -0.65
C ARG A 306 -9.04 -19.65 0.26
N LYS A 307 -8.14 -20.10 1.17
CA LYS A 307 -8.44 -21.19 2.11
C LYS A 307 -9.47 -20.73 3.13
N VAL A 308 -9.24 -19.55 3.74
CA VAL A 308 -10.14 -18.95 4.73
C VAL A 308 -11.55 -18.72 4.16
N GLN A 309 -11.66 -18.20 2.94
CA GLN A 309 -12.96 -17.96 2.30
C GLN A 309 -13.75 -19.25 1.99
N HIS A 310 -13.08 -20.30 1.50
CA HIS A 310 -13.77 -21.58 1.24
C HIS A 310 -14.28 -22.17 2.57
N MET A 311 -13.44 -22.11 3.60
CA MET A 311 -13.76 -22.64 4.92
C MET A 311 -14.96 -21.93 5.55
N VAL A 312 -14.91 -20.61 5.65
CA VAL A 312 -15.92 -19.82 6.29
C VAL A 312 -17.28 -19.89 5.57
N VAL A 313 -17.25 -19.76 4.24
CA VAL A 313 -18.47 -19.80 3.46
C VAL A 313 -19.06 -21.20 3.49
N LYS A 314 -18.23 -22.24 3.35
CA LYS A 314 -18.72 -23.62 3.38
C LYS A 314 -19.38 -23.94 4.73
N ALA A 315 -18.78 -23.46 5.83
CA ALA A 315 -19.36 -23.71 7.16
C ALA A 315 -20.64 -22.94 7.40
N ALA A 316 -20.78 -21.74 6.82
CA ALA A 316 -21.99 -20.94 7.00
C ALA A 316 -23.20 -21.60 6.31
N LEU A 317 -22.98 -22.16 5.10
CA LEU A 317 -24.00 -22.83 4.32
C LEU A 317 -24.39 -24.15 4.98
N LEU A 318 -23.46 -24.84 5.64
CA LEU A 318 -23.78 -26.10 6.34
C LEU A 318 -24.52 -25.79 7.65
N ALA A 319 -24.10 -24.75 8.39
CA ALA A 319 -24.71 -24.42 9.67
C ALA A 319 -26.09 -23.81 9.55
N ASP A 320 -26.32 -22.91 8.57
CA ASP A 320 -27.61 -22.24 8.48
C ASP A 320 -28.41 -22.57 7.23
N LYS A 321 -27.86 -23.40 6.32
CA LYS A 321 -28.58 -23.88 5.13
C LYS A 321 -29.38 -22.80 4.38
N PHE A 322 -28.75 -21.65 4.09
CA PHE A 322 -29.38 -20.59 3.32
C PHE A 322 -29.68 -21.12 1.92
N PRO A 323 -30.89 -20.88 1.38
CA PRO A 323 -31.19 -21.41 0.04
C PRO A 323 -30.56 -20.62 -1.12
N VAL A 324 -30.14 -19.37 -0.85
CA VAL A 324 -29.55 -18.49 -1.86
C VAL A 324 -28.38 -17.68 -1.23
N LEU A 325 -27.28 -17.50 -1.99
CA LEU A 325 -26.10 -16.73 -1.57
C LEU A 325 -25.90 -15.59 -2.57
N HIS A 326 -25.80 -14.34 -2.09
CA HIS A 326 -25.61 -13.17 -2.96
C HIS A 326 -24.15 -12.77 -2.88
N ASP A 327 -23.35 -13.12 -3.90
CA ASP A 327 -21.92 -12.86 -3.95
C ASP A 327 -21.67 -11.48 -4.59
N ILE A 328 -21.44 -10.48 -3.75
CA ILE A 328 -21.26 -9.10 -4.18
C ILE A 328 -19.80 -8.68 -4.22
N GLY A 329 -19.37 -8.22 -5.39
CA GLY A 329 -17.99 -7.75 -5.54
C GLY A 329 -17.39 -8.10 -6.87
N ASN A 330 -16.11 -8.47 -6.87
CA ASN A 330 -15.36 -8.75 -8.10
C ASN A 330 -16.16 -9.39 -9.24
N PRO A 331 -16.34 -8.66 -10.36
CA PRO A 331 -17.09 -9.23 -11.48
C PRO A 331 -16.47 -10.49 -12.11
N LYS A 332 -15.23 -10.84 -11.71
CA LYS A 332 -14.53 -12.04 -12.18
C LYS A 332 -14.54 -13.17 -11.12
N ALA A 333 -15.34 -13.05 -10.04
CA ALA A 333 -15.41 -14.07 -9.00
C ALA A 333 -15.97 -15.42 -9.46
N ILE A 334 -15.40 -16.47 -8.87
CA ILE A 334 -15.80 -17.85 -9.08
C ILE A 334 -16.38 -18.34 -7.74
N LYS A 335 -17.21 -19.41 -7.75
CA LYS A 335 -17.78 -19.92 -6.49
C LYS A 335 -16.65 -20.41 -5.58
N CYS A 336 -16.55 -19.85 -4.36
CA CYS A 336 -15.54 -20.32 -3.41
C CYS A 336 -15.86 -21.71 -2.85
N VAL A 337 -17.12 -22.15 -2.92
CA VAL A 337 -17.58 -23.47 -2.48
C VAL A 337 -18.33 -24.12 -3.66
N PRO A 338 -17.60 -24.65 -4.67
CA PRO A 338 -18.26 -25.22 -5.86
C PRO A 338 -19.24 -26.38 -5.66
N GLN A 339 -19.14 -27.13 -4.55
CA GLN A 339 -20.03 -28.26 -4.34
C GLN A 339 -21.22 -27.95 -3.41
N ALA A 340 -21.41 -26.70 -2.97
CA ALA A 340 -22.54 -26.37 -2.09
C ALA A 340 -23.89 -26.41 -2.82
N ASP A 341 -24.95 -26.81 -2.11
CA ASP A 341 -26.30 -26.90 -2.68
C ASP A 341 -26.76 -25.55 -3.28
N VAL A 342 -26.86 -24.52 -2.42
CA VAL A 342 -27.25 -23.14 -2.61
C VAL A 342 -27.35 -22.58 -4.07
N GLU A 343 -28.27 -21.64 -4.24
CA GLU A 343 -28.44 -20.91 -5.49
C GLU A 343 -27.41 -19.80 -5.40
N TRP A 344 -26.36 -19.90 -6.20
CA TRP A 344 -25.28 -18.92 -6.18
C TRP A 344 -25.55 -17.82 -7.21
N LYS A 345 -25.75 -16.58 -6.74
CA LYS A 345 -26.05 -15.41 -7.58
C LYS A 345 -24.95 -14.36 -7.42
N PHE A 346 -24.30 -13.96 -8.54
CA PHE A 346 -23.22 -12.98 -8.57
C PHE A 346 -23.72 -11.57 -8.93
N TYR A 347 -23.06 -10.55 -8.38
CA TYR A 347 -23.36 -9.14 -8.57
C TYR A 347 -22.02 -8.45 -8.71
N ASP A 348 -21.89 -7.66 -9.76
CA ASP A 348 -20.66 -6.99 -10.14
C ASP A 348 -20.47 -5.66 -9.49
N ALA A 349 -19.34 -5.50 -8.81
CA ALA A 349 -18.97 -4.23 -8.22
C ALA A 349 -17.46 -4.22 -8.15
N GLN A 350 -16.83 -3.25 -8.81
CA GLN A 350 -15.38 -3.13 -8.80
C GLN A 350 -14.89 -2.67 -7.42
N PRO A 351 -13.60 -2.92 -7.07
CA PRO A 351 -13.11 -2.44 -5.76
C PRO A 351 -13.24 -0.93 -5.67
N CYS A 352 -13.88 -0.41 -4.61
CA CYS A 352 -14.01 1.03 -4.47
C CYS A 352 -12.71 1.55 -3.90
N SER A 353 -12.13 2.53 -4.56
CA SER A 353 -10.85 3.09 -4.12
C SER A 353 -10.97 4.47 -3.46
N ASP A 354 -12.14 5.11 -3.55
CA ASP A 354 -12.33 6.43 -2.99
C ASP A 354 -13.14 6.32 -1.69
N LYS A 355 -14.47 6.38 -1.78
CA LYS A 355 -15.31 6.19 -0.62
C LYS A 355 -15.86 4.78 -0.69
N ALA A 356 -16.22 4.23 0.49
CA ALA A 356 -16.81 2.90 0.55
C ALA A 356 -18.20 3.00 -0.08
N TYR A 357 -18.65 1.97 -0.79
CA TYR A 357 -19.96 1.96 -1.43
C TYR A 357 -21.07 2.19 -0.45
N LYS A 358 -22.10 2.95 -0.81
CA LYS A 358 -23.30 3.04 0.02
C LYS A 358 -24.04 1.73 -0.27
N ILE A 359 -24.49 1.01 0.76
CA ILE A 359 -25.22 -0.25 0.56
C ILE A 359 -26.52 -0.06 -0.27
N GLU A 360 -27.16 1.11 -0.15
CA GLU A 360 -28.37 1.41 -0.90
C GLU A 360 -28.06 1.52 -2.41
N GLU A 361 -26.83 1.94 -2.79
CA GLU A 361 -26.50 2.04 -4.22
C GLU A 361 -26.15 0.68 -4.82
N LEU A 362 -25.67 -0.27 -4.01
CA LEU A 362 -25.40 -1.63 -4.49
C LEU A 362 -26.71 -2.39 -4.82
N PHE A 363 -27.85 -1.92 -4.28
CA PHE A 363 -29.16 -2.51 -4.49
C PHE A 363 -30.07 -1.67 -5.38
N TYR A 364 -29.61 -0.46 -5.81
CA TYR A 364 -30.38 0.45 -6.66
C TYR A 364 -30.55 -0.15 -8.05
N SER A 365 -31.80 -0.31 -8.49
CA SER A 365 -32.14 -0.98 -9.72
C SER A 365 -32.83 -0.13 -10.78
N TYR A 366 -32.85 1.20 -10.60
CA TYR A 366 -33.52 2.10 -11.54
C TYR A 366 -35.05 1.77 -11.67
N ALA A 367 -35.61 1.67 -12.90
CA ALA A 367 -37.03 1.43 -13.12
C ALA A 367 -37.50 -0.02 -12.98
N THR A 368 -36.63 -0.94 -12.50
CA THR A 368 -37.01 -2.34 -12.32
C THR A 368 -36.75 -2.81 -10.88
N HIS A 369 -37.40 -3.90 -10.48
CA HIS A 369 -37.20 -4.46 -9.16
C HIS A 369 -35.82 -5.09 -9.02
N SER A 370 -35.17 -4.82 -7.90
CA SER A 370 -33.86 -5.39 -7.60
C SER A 370 -34.05 -6.87 -7.11
N ASP A 371 -32.93 -7.61 -6.98
CA ASP A 371 -32.97 -8.95 -6.40
C ASP A 371 -33.24 -8.76 -4.89
N LYS A 372 -33.80 -9.79 -4.25
CA LYS A 372 -34.11 -9.71 -2.82
C LYS A 372 -32.86 -10.08 -2.01
N PHE A 373 -32.20 -9.09 -1.43
CA PHE A 373 -31.00 -9.29 -0.62
C PHE A 373 -31.29 -9.87 0.76
N THR A 374 -32.53 -9.78 1.24
CA THR A 374 -32.92 -10.31 2.55
C THR A 374 -33.10 -11.85 2.55
N ASP A 375 -33.20 -12.48 1.37
CA ASP A 375 -33.30 -13.92 1.22
C ASP A 375 -31.88 -14.46 1.30
N GLY A 376 -31.66 -15.52 2.05
CA GLY A 376 -30.34 -16.15 2.16
C GLY A 376 -29.26 -15.30 2.80
N VAL A 377 -28.02 -15.47 2.33
CA VAL A 377 -26.88 -14.75 2.90
C VAL A 377 -26.19 -13.85 1.85
N CYS A 378 -25.48 -12.81 2.27
CA CYS A 378 -24.78 -11.92 1.37
C CYS A 378 -23.30 -12.07 1.65
N LEU A 379 -22.51 -12.29 0.60
CA LEU A 379 -21.08 -12.47 0.77
C LEU A 379 -20.39 -11.23 0.20
N PHE A 380 -19.67 -10.50 1.06
CA PHE A 380 -18.92 -9.32 0.68
C PHE A 380 -17.45 -9.61 0.93
N TRP A 381 -16.77 -10.27 -0.02
CA TRP A 381 -15.36 -10.61 0.14
C TRP A 381 -14.51 -9.50 -0.46
N ASN A 382 -13.98 -8.62 0.41
CA ASN A 382 -13.24 -7.41 0.03
C ASN A 382 -14.08 -6.42 -0.77
N CYS A 383 -15.39 -6.39 -0.50
CA CYS A 383 -16.27 -5.45 -1.17
C CYS A 383 -16.68 -4.47 -0.06
N ASN A 384 -16.04 -3.30 -0.02
CA ASN A 384 -16.15 -2.29 1.04
C ASN A 384 -17.38 -1.41 1.01
N VAL A 385 -18.32 -1.64 1.93
CA VAL A 385 -19.56 -0.87 1.97
C VAL A 385 -19.67 -0.08 3.32
N ASP A 386 -20.53 0.95 3.36
CA ASP A 386 -20.67 1.80 4.55
C ASP A 386 -21.37 1.10 5.77
N ARG A 387 -22.29 0.18 5.50
CA ARG A 387 -23.03 -0.50 6.55
C ARG A 387 -23.51 -1.81 5.98
N TYR A 388 -22.95 -2.93 6.46
CA TYR A 388 -23.34 -4.24 5.93
C TYR A 388 -24.70 -4.71 6.41
N PRO A 389 -25.45 -5.39 5.53
CA PRO A 389 -26.72 -5.99 5.97
C PRO A 389 -26.47 -7.04 7.08
N ALA A 390 -27.45 -7.27 7.94
CA ALA A 390 -27.34 -8.24 9.04
C ALA A 390 -27.03 -9.65 8.53
N ASN A 391 -27.60 -10.09 7.38
CA ASN A 391 -27.35 -11.46 6.88
C ASN A 391 -26.08 -11.54 6.00
N SER A 392 -24.91 -11.13 6.55
CA SER A 392 -23.67 -11.10 5.77
C SER A 392 -22.51 -11.87 6.32
N ILE A 393 -21.59 -12.25 5.41
CA ILE A 393 -20.27 -12.84 5.61
C ILE A 393 -19.38 -11.82 4.94
N VAL A 394 -18.46 -11.22 5.71
CA VAL A 394 -17.63 -10.12 5.21
C VAL A 394 -16.13 -10.32 5.46
N CYS A 395 -15.31 -9.92 4.48
CA CYS A 395 -13.88 -9.82 4.63
C CYS A 395 -13.58 -8.36 4.31
N ARG A 396 -13.10 -7.60 5.29
CA ARG A 396 -12.81 -6.17 5.08
C ARG A 396 -11.39 -5.88 5.53
N PHE A 397 -10.53 -5.43 4.60
CA PHE A 397 -9.13 -5.09 4.88
C PHE A 397 -9.04 -3.87 5.83
N ASP A 398 -8.25 -4.01 6.89
CA ASP A 398 -8.05 -2.96 7.89
C ASP A 398 -6.90 -2.08 7.44
N THR A 399 -7.21 -0.91 6.87
CA THR A 399 -6.23 0.05 6.34
C THR A 399 -5.20 0.51 7.37
N ARG A 400 -5.47 0.32 8.68
CA ARG A 400 -4.52 0.76 9.71
C ARG A 400 -3.34 -0.18 9.89
N VAL A 401 -3.40 -1.38 9.32
CA VAL A 401 -2.34 -2.38 9.50
C VAL A 401 -0.99 -1.87 9.02
N LEU A 402 0.04 -2.10 9.86
CA LEU A 402 1.42 -1.76 9.55
C LEU A 402 2.09 -2.96 8.89
N SER A 403 2.47 -2.82 7.60
CA SER A 403 3.15 -3.89 6.86
C SER A 403 3.86 -3.32 5.63
N ASN A 404 4.74 -4.11 5.02
CA ASN A 404 5.45 -3.70 3.80
C ASN A 404 4.55 -3.67 2.57
N LEU A 405 3.40 -4.35 2.61
CA LEU A 405 2.45 -4.32 1.50
C LEU A 405 1.52 -3.08 1.57
N ASN A 406 1.26 -2.60 2.79
CA ASN A 406 0.36 -1.50 3.03
C ASN A 406 1.09 -0.15 3.14
N LEU A 407 0.87 0.73 2.17
CA LEU A 407 1.47 2.05 2.13
C LEU A 407 0.43 3.09 2.59
N PRO A 408 0.89 4.16 3.26
CA PRO A 408 -0.05 5.22 3.68
C PRO A 408 -0.81 5.81 2.47
N GLY A 409 -2.10 6.10 2.64
CA GLY A 409 -2.92 6.59 1.54
C GLY A 409 -3.55 7.95 1.74
N CYS A 410 -4.68 8.17 1.02
N CYS A 410 -4.71 8.13 1.08
CA CYS A 410 -5.45 9.43 0.98
CA CYS A 410 -5.47 9.36 1.05
C CYS A 410 -6.71 9.37 1.81
C CYS A 410 -6.68 9.31 1.93
N ASP A 411 -6.94 10.42 2.65
CA ASP A 411 -8.12 10.58 3.50
C ASP A 411 -8.36 9.42 4.49
N GLY A 412 -7.30 8.94 5.13
CA GLY A 412 -7.42 7.83 6.06
C GLY A 412 -7.32 6.44 5.43
N GLY A 413 -7.35 6.38 4.11
CA GLY A 413 -7.25 5.14 3.37
C GLY A 413 -5.81 4.68 3.22
N SER A 414 -5.62 3.53 2.59
CA SER A 414 -4.28 2.98 2.43
C SER A 414 -4.14 2.33 1.05
N LEU A 415 -2.90 2.20 0.60
CA LEU A 415 -2.61 1.63 -0.69
C LEU A 415 -2.05 0.25 -0.44
N TYR A 416 -2.88 -0.77 -0.61
CA TYR A 416 -2.43 -2.14 -0.39
C TYR A 416 -1.91 -2.66 -1.71
N VAL A 417 -0.59 -2.91 -1.77
CA VAL A 417 0.08 -3.35 -3.00
C VAL A 417 0.52 -4.78 -2.87
N ASN A 418 -0.18 -5.68 -3.55
CA ASN A 418 0.07 -7.11 -3.53
C ASN A 418 -0.34 -7.56 -4.91
N LYS A 419 0.64 -7.71 -5.82
CA LYS A 419 0.46 -8.04 -7.24
C LYS A 419 -0.08 -6.79 -7.98
N HIS A 420 -1.14 -6.18 -7.45
CA HIS A 420 -1.73 -4.98 -8.00
C HIS A 420 -1.84 -3.92 -6.88
N ALA A 421 -2.05 -2.65 -7.26
CA ALA A 421 -2.19 -1.60 -6.26
C ALA A 421 -3.67 -1.36 -6.00
N PHE A 422 -4.07 -1.37 -4.74
CA PHE A 422 -5.46 -1.19 -4.35
C PHE A 422 -5.58 -0.10 -3.31
N HIS A 423 -6.05 1.10 -3.72
CA HIS A 423 -6.33 2.12 -2.72
C HIS A 423 -7.64 1.69 -2.06
N THR A 424 -7.64 1.59 -0.71
CA THR A 424 -8.78 1.10 0.07
C THR A 424 -9.27 2.23 0.98
N PRO A 425 -10.60 2.47 1.03
CA PRO A 425 -11.10 3.54 1.91
C PRO A 425 -10.85 3.25 3.38
N ALA A 426 -10.79 4.28 4.21
CA ALA A 426 -10.53 4.15 5.63
C ALA A 426 -11.38 3.08 6.33
N PHE A 427 -10.73 2.23 7.13
CA PHE A 427 -11.44 1.21 7.89
C PHE A 427 -12.35 1.94 8.93
N ASP A 428 -13.62 1.53 8.99
CA ASP A 428 -14.62 2.16 9.85
C ASP A 428 -15.35 1.05 10.60
N LYS A 429 -15.17 0.96 11.94
CA LYS A 429 -15.79 -0.06 12.79
C LYS A 429 -17.31 -0.06 12.68
N SER A 430 -17.90 1.12 12.45
CA SER A 430 -19.35 1.24 12.38
C SER A 430 -19.96 0.55 11.16
N ALA A 431 -19.16 0.17 10.15
CA ALA A 431 -19.70 -0.60 9.00
C ALA A 431 -20.26 -1.98 9.44
N PHE A 432 -19.81 -2.46 10.60
CA PHE A 432 -20.10 -3.79 11.14
C PHE A 432 -21.07 -3.83 12.31
N VAL A 433 -21.94 -2.81 12.51
CA VAL A 433 -22.89 -2.79 13.62
C VAL A 433 -23.87 -3.94 13.61
N ASN A 434 -24.29 -4.38 12.42
CA ASN A 434 -25.25 -5.49 12.33
C ASN A 434 -24.60 -6.88 12.40
N LEU A 435 -23.28 -6.96 12.52
CA LEU A 435 -22.56 -8.22 12.53
C LEU A 435 -21.74 -8.41 13.83
N LYS A 436 -21.04 -9.55 13.94
CA LYS A 436 -20.10 -9.84 15.00
C LYS A 436 -18.77 -10.27 14.35
N GLN A 437 -17.65 -10.20 15.11
CA GLN A 437 -16.36 -10.68 14.64
C GLN A 437 -16.45 -12.19 14.43
N LEU A 438 -15.92 -12.70 13.33
CA LEU A 438 -15.94 -14.13 13.08
C LEU A 438 -14.82 -14.80 13.88
N PRO A 439 -15.17 -15.76 14.74
CA PRO A 439 -14.14 -16.45 15.52
C PRO A 439 -13.40 -17.50 14.71
N PHE A 440 -12.17 -17.81 15.11
CA PHE A 440 -11.40 -18.87 14.46
C PHE A 440 -12.05 -20.24 14.74
N PHE A 441 -12.08 -21.07 13.71
CA PHE A 441 -12.54 -22.44 13.75
C PHE A 441 -11.96 -23.13 12.52
N TYR A 442 -11.81 -24.44 12.60
CA TYR A 442 -11.35 -25.23 11.47
C TYR A 442 -12.43 -26.28 11.31
N TYR A 443 -13.01 -26.41 10.14
CA TYR A 443 -14.02 -27.45 9.91
C TYR A 443 -13.50 -28.43 8.85
N SER A 444 -13.82 -29.73 9.00
CA SER A 444 -13.51 -30.71 7.97
C SER A 444 -14.40 -31.93 8.00
N ASP A 445 -14.93 -32.27 6.84
CA ASP A 445 -15.71 -33.48 6.63
C ASP A 445 -14.91 -34.54 5.84
N SER A 446 -13.64 -34.23 5.47
CA SER A 446 -12.77 -35.15 4.75
C SER A 446 -12.47 -36.37 5.63
N PRO A 447 -12.24 -37.54 5.00
CA PRO A 447 -11.96 -38.74 5.81
C PRO A 447 -10.68 -38.62 6.62
N CYS A 448 -10.63 -39.40 7.71
CA CYS A 448 -9.48 -39.47 8.61
C CYS A 448 -8.43 -40.46 8.07
N GLU A 449 -7.65 -40.06 7.06
CA GLU A 449 -6.62 -40.86 6.39
C GLU A 449 -5.35 -40.00 6.27
N SER A 450 -4.17 -40.56 6.63
CA SER A 450 -2.88 -39.86 6.72
C SER A 450 -2.10 -39.62 5.39
N HIS A 451 -1.58 -40.68 4.73
CA HIS A 451 -0.78 -40.57 3.49
C HIS A 451 0.61 -39.92 3.64
N GLY A 452 1.66 -40.70 3.36
CA GLY A 452 3.04 -40.24 3.38
C GLY A 452 3.66 -40.01 4.74
N ILE A 459 7.03 -35.16 8.57
CA ILE A 459 6.63 -34.34 9.70
C ILE A 459 6.48 -35.17 10.97
N ASP A 460 6.81 -34.61 12.16
CA ASP A 460 6.69 -35.37 13.40
C ASP A 460 5.35 -35.05 14.16
N TYR A 461 5.19 -35.43 15.47
CA TYR A 461 3.90 -35.22 16.14
C TYR A 461 3.91 -35.02 17.68
N VAL A 462 2.88 -34.29 18.13
CA VAL A 462 2.39 -33.98 19.49
C VAL A 462 0.86 -33.98 19.27
N PRO A 463 0.09 -34.75 20.06
CA PRO A 463 -1.36 -34.81 19.81
C PRO A 463 -2.10 -33.48 19.89
N LEU A 464 -3.02 -33.25 18.94
CA LEU A 464 -3.77 -32.00 18.94
C LEU A 464 -4.95 -32.08 19.88
N LYS A 465 -5.10 -31.05 20.72
CA LYS A 465 -6.25 -30.89 21.60
C LYS A 465 -6.77 -29.49 21.36
N SER A 466 -7.99 -29.38 20.81
CA SER A 466 -8.58 -28.06 20.55
C SER A 466 -10.08 -28.16 20.46
N ALA A 467 -10.78 -27.17 21.05
CA ALA A 467 -12.23 -27.13 20.93
C ALA A 467 -12.68 -26.62 19.52
N THR A 468 -11.78 -25.96 18.77
CA THR A 468 -12.12 -25.40 17.46
C THR A 468 -11.70 -26.26 16.25
N CYS A 469 -11.43 -27.54 16.48
CA CYS A 469 -11.11 -28.48 15.41
C CYS A 469 -12.43 -29.24 15.22
N ILE A 470 -13.26 -28.79 14.29
CA ILE A 470 -14.56 -29.40 14.09
C ILE A 470 -14.45 -30.56 13.09
N THR A 471 -14.14 -31.75 13.61
CA THR A 471 -13.98 -32.96 12.81
C THR A 471 -14.65 -34.17 13.50
N ARG A 472 -14.91 -35.25 12.73
CA ARG A 472 -15.48 -36.49 13.22
C ARG A 472 -14.61 -37.07 14.34
N CYS A 473 -13.28 -37.08 14.13
CA CYS A 473 -12.30 -37.57 15.09
C CYS A 473 -12.38 -36.82 16.42
N ASN A 474 -12.52 -35.50 16.38
CA ASN A 474 -12.62 -34.72 17.60
C ASN A 474 -13.96 -34.99 18.32
N LEU A 475 -15.03 -35.14 17.54
CA LEU A 475 -16.35 -35.48 18.07
C LEU A 475 -16.26 -36.86 18.78
N GLY A 476 -15.54 -37.79 18.15
CA GLY A 476 -15.30 -39.13 18.63
C GLY A 476 -14.29 -39.25 19.76
N GLY A 477 -13.67 -38.16 20.17
CA GLY A 477 -12.76 -38.15 21.31
C GLY A 477 -11.28 -37.88 21.09
N ALA A 478 -10.76 -38.06 19.86
CA ALA A 478 -9.31 -37.90 19.63
C ALA A 478 -8.94 -37.51 18.20
N VAL A 479 -8.43 -36.28 17.99
CA VAL A 479 -8.04 -35.80 16.66
C VAL A 479 -7.02 -36.73 15.95
N CYS A 480 -7.37 -37.25 14.75
CA CYS A 480 -6.48 -38.06 13.92
C CYS A 480 -5.29 -37.21 13.44
N ARG A 481 -4.23 -37.84 12.93
CA ARG A 481 -3.03 -37.12 12.52
C ARG A 481 -3.27 -36.24 11.29
N HIS A 482 -4.05 -36.72 10.31
CA HIS A 482 -4.35 -35.91 9.13
C HIS A 482 -5.06 -34.60 9.51
N HIS A 483 -6.08 -34.68 10.37
CA HIS A 483 -6.81 -33.44 10.73
C HIS A 483 -5.98 -32.54 11.66
N ALA A 484 -5.04 -33.11 12.43
CA ALA A 484 -4.13 -32.34 13.27
C ALA A 484 -3.15 -31.52 12.41
N ASN A 485 -2.64 -32.13 11.32
CA ASN A 485 -1.73 -31.47 10.38
C ASN A 485 -2.46 -30.36 9.68
N GLU A 486 -3.66 -30.68 9.16
CA GLU A 486 -4.48 -29.74 8.42
C GLU A 486 -4.95 -28.59 9.27
N TYR A 487 -5.20 -28.83 10.56
CA TYR A 487 -5.67 -27.81 11.48
C TYR A 487 -4.53 -26.81 11.68
N ARG A 488 -3.32 -27.32 11.96
CA ARG A 488 -2.14 -26.47 12.21
C ARG A 488 -1.78 -25.65 11.00
N LEU A 489 -1.94 -26.22 9.81
CA LEU A 489 -1.70 -25.52 8.56
C LEU A 489 -2.75 -24.45 8.37
N TYR A 490 -4.03 -24.76 8.65
CA TYR A 490 -5.12 -23.80 8.50
C TYR A 490 -5.00 -22.64 9.48
N LEU A 491 -4.60 -22.92 10.72
CA LEU A 491 -4.39 -21.86 11.72
C LEU A 491 -3.23 -20.94 11.26
N ASP A 492 -2.19 -21.51 10.63
CA ASP A 492 -1.07 -20.73 10.13
C ASP A 492 -1.52 -19.79 9.03
N ALA A 493 -2.32 -20.30 8.06
CA ALA A 493 -2.88 -19.55 6.95
C ALA A 493 -3.80 -18.44 7.48
N TYR A 494 -4.61 -18.76 8.49
CA TYR A 494 -5.52 -17.82 9.10
C TYR A 494 -4.76 -16.67 9.75
N ASN A 495 -3.77 -16.98 10.60
CA ASN A 495 -2.96 -15.96 11.27
C ASN A 495 -2.19 -15.07 10.28
N MET A 496 -1.78 -15.65 9.14
CA MET A 496 -1.08 -14.96 8.10
C MET A 496 -2.01 -13.89 7.50
N MET A 497 -3.25 -14.26 7.20
CA MET A 497 -4.27 -13.40 6.64
C MET A 497 -4.65 -12.28 7.61
N ILE A 498 -4.80 -12.58 8.90
CA ILE A 498 -5.19 -11.59 9.89
C ILE A 498 -4.10 -10.56 10.10
N SER A 499 -2.86 -11.04 10.19
CA SER A 499 -1.73 -10.16 10.40
C SER A 499 -1.40 -9.31 9.14
N ALA A 500 -1.83 -9.78 7.94
CA ALA A 500 -1.72 -8.99 6.73
C ALA A 500 -2.75 -7.82 6.72
N GLY A 501 -3.70 -7.78 7.67
CA GLY A 501 -4.68 -6.71 7.78
C GLY A 501 -6.13 -7.08 7.58
N PHE A 502 -6.42 -8.26 7.03
CA PHE A 502 -7.79 -8.67 6.79
C PHE A 502 -8.59 -8.91 8.05
N SER A 503 -9.86 -8.48 8.09
CA SER A 503 -10.75 -8.72 9.25
C SER A 503 -12.01 -9.45 8.79
N LEU A 504 -12.50 -10.41 9.57
CA LEU A 504 -13.65 -11.24 9.22
C LEU A 504 -14.83 -10.98 10.09
N TRP A 505 -16.00 -10.87 9.45
CA TRP A 505 -17.24 -10.53 10.13
C TRP A 505 -18.35 -11.48 9.63
N VAL A 506 -19.33 -11.77 10.50
CA VAL A 506 -20.39 -12.72 10.17
C VAL A 506 -21.70 -12.34 10.85
N TYR A 507 -22.82 -12.81 10.30
CA TYR A 507 -24.14 -12.61 10.89
C TYR A 507 -24.16 -13.15 12.36
N LYS A 508 -24.87 -12.47 13.28
CA LYS A 508 -24.86 -12.79 14.72
C LYS A 508 -25.39 -14.17 15.13
N GLN A 509 -26.17 -14.84 14.29
CA GLN A 509 -26.66 -16.19 14.58
C GLN A 509 -25.63 -17.28 14.22
N PHE A 510 -24.47 -16.93 13.61
CA PHE A 510 -23.46 -17.95 13.25
C PHE A 510 -22.96 -18.69 14.48
N ASP A 511 -23.06 -20.01 14.47
CA ASP A 511 -22.67 -20.80 15.62
C ASP A 511 -22.04 -22.08 15.15
N THR A 512 -20.74 -22.27 15.41
CA THR A 512 -20.05 -23.51 15.02
C THR A 512 -20.61 -24.75 15.74
N TYR A 513 -21.39 -24.57 16.82
CA TYR A 513 -22.03 -25.72 17.47
C TYR A 513 -22.96 -26.46 16.49
N ASN A 514 -23.51 -25.74 15.52
CA ASN A 514 -24.36 -26.27 14.46
C ASN A 514 -23.61 -27.13 13.45
N LEU A 515 -22.27 -27.13 13.47
CA LEU A 515 -21.47 -27.93 12.55
C LEU A 515 -21.26 -29.36 12.99
N TRP A 516 -21.30 -29.62 14.29
CA TRP A 516 -21.13 -30.98 14.83
C TRP A 516 -22.16 -32.00 14.32
N ASN A 517 -23.42 -31.60 14.12
CA ASN A 517 -24.45 -32.52 13.61
C ASN A 517 -24.32 -32.83 12.10
N THR A 518 -23.34 -32.20 11.39
CA THR A 518 -23.10 -32.56 10.00
C THR A 518 -22.29 -33.93 9.91
N PHE A 519 -21.93 -34.52 11.08
CA PHE A 519 -21.29 -35.83 11.21
C PHE A 519 -22.33 -36.68 11.95
N THR A 520 -23.07 -37.54 11.23
CA THR A 520 -24.12 -38.37 11.85
C THR A 520 -24.16 -39.79 11.26
#